data_6GZH
#
_entry.id   6GZH
#
_cell.length_a   171.599
_cell.length_b   171.599
_cell.length_c   97.790
_cell.angle_alpha   90.00
_cell.angle_beta   90.00
_cell.angle_gamma   120.00
#
_symmetry.space_group_name_H-M   'H 3'
#
loop_
_entity.id
_entity.type
_entity.pdbx_description
1 polymer 'Cyclin-dependent kinase 9'
2 polymer Cyclin-T1
3 non-polymer [4-[[4-[5-(cyclopropylmethyl)-1-methyl-pyrazol-4-yl]-5-fluoranyl-pyrimidin-2-yl]amino]cyclohexyl]azanium
4 non-polymer GLYCEROL
5 water water
#
loop_
_entity_poly.entity_id
_entity_poly.type
_entity_poly.pdbx_seq_one_letter_code
_entity_poly.pdbx_strand_id
1 'polypeptide(L)'
;MAKQYDSVECPFCDEVSKYEKLAKIGQGTFGEVFKARHRKTGQKVALKKVLMENEKEGFPITALREIKILQLLKHENVVN
LIEICRTKASPYNRCKGSIYLVFDFCEHDLAGLLSNVLVKFTLSEIKRVMQMLLNGLYYIHRNKILHRDMKAANVLITRD
GVLKLADFGLARAFSLAKNSQPNRY(TPO)NRVVTLWYRPPELLLGERDYGPPIDLWGAGCIMAEMWTRSPIMQGNTEQH
QLALISQLCGSITPEVWPNVDNYELYEKLELVKGQKRKVKDRLKAYVRDPYALDLIDKLLVLDPAQRIDSDDALNHDFFW
SDPMPSDLKG
;
A
2 'polypeptide(L)'
;MEGERKNNNKRWYFTREQLENSPSRRFGVDPDKELSYRQQAANLLQDMGQRLNVSQLTINTAIVYMHRFYMIQSFTRFPG
NSVAPAALFLAAKVEGQPKKLEHVIKVAHTCLHPQESLPDTRSEAYLQQVQDLVILESIILQTLGFELTIDHPHTHVVKC
TQLVRASKDLAQTSYFMATNSLHLTTFSLQYTPPVVACVCIHLACKWSNWEIPVSTDGKHWWEYVDATVTLELLDELTHE
LLQILEKTPNRLKRIWNWRACEAAKKTKADDRGTDEKTSEQTILNMISQSSSDTTIAGLMSMSTSTTSAVPSLPVSEESS
SNLTSVEMLPGKRWLSSQPSFKLEPTQGHRTSENLALTGVDHSLPQDGSNAFISQKQNSKSVPSAKVSLKEYRAKHAEEL
AAQKRQLENMEANVKSQYAYAAQNLLSHHDSHSSVILKMPIEGSENPERPFLEKADKTALKMRIPVAGGDKAASSKPEEI
KMRIKVHAAADKHNSVEDSVTKSREHKEKHKTHPSNHHHHHNHHSHKHSHSQLPVGTGNKRPGDPKHSSQTSNLAHKTYS
LSSSFSSSSSTRKRGPSEETGGAVFDHPAKIAKSTKSSSLNFSFPSLPTMGQMPGHSSDTSGLSFSQPSCKTRVPHSKLD
KGPTGANGHNTTQTIDYQDTVNMLHSLLSAQGVQPTQPTAFEFVRPYSDYLNPRSGGISSRSGNTDKPRPPPLPSEPPPP
LPPLPK
;
B
#
loop_
_chem_comp.id
_chem_comp.type
_chem_comp.name
_chem_comp.formula
GOL non-polymer GLYCEROL 'C3 H8 O3'
LCI non-polymer [4-[[4-[5-(cyclopropylmethyl)-1-methyl-pyrazol-4-yl]-5-fluoranyl-pyrimidin-2-yl]amino]cyclohexyl]azanium 'C18 H26 F N6 1'
#
# COMPACT_ATOMS: atom_id res chain seq x y z
N VAL A 8 26.41 3.39 11.95
CA VAL A 8 25.63 3.00 10.72
C VAL A 8 24.94 4.22 10.10
N GLU A 9 25.49 4.71 8.99
CA GLU A 9 24.95 5.89 8.30
C GLU A 9 23.52 5.62 7.80
N CYS A 10 22.68 6.65 7.89
CA CYS A 10 21.26 6.51 7.60
C CYS A 10 20.67 7.88 7.21
N PRO A 11 20.72 8.23 5.92
CA PRO A 11 20.23 9.53 5.45
C PRO A 11 18.73 9.74 5.49
N PHE A 12 17.95 8.80 4.97
CA PHE A 12 16.52 9.02 4.70
C PHE A 12 15.57 8.57 5.82
N CYS A 13 16.09 8.42 7.03
CA CYS A 13 15.26 8.07 8.18
C CYS A 13 15.76 8.81 9.41
N ASP A 14 15.16 9.97 9.68
CA ASP A 14 15.64 10.88 10.72
C ASP A 14 15.26 10.36 12.10
N GLU A 15 15.99 10.81 13.11
CA GLU A 15 15.64 10.52 14.50
C GLU A 15 14.44 11.35 14.93
N VAL A 16 13.50 10.74 15.65
CA VAL A 16 12.26 11.40 16.04
C VAL A 16 12.44 12.49 17.11
N SER A 17 13.64 12.59 17.67
CA SER A 17 14.02 13.69 18.57
C SER A 17 13.97 15.10 17.93
N LYS A 18 14.04 15.20 16.61
CA LYS A 18 13.83 16.46 15.89
C LYS A 18 12.45 17.08 16.17
N TYR A 19 11.48 16.22 16.50
CA TYR A 19 10.19 16.63 17.03
C TYR A 19 10.21 16.51 18.56
N GLU A 20 9.97 17.60 19.26
CA GLU A 20 9.78 17.56 20.72
C GLU A 20 8.33 17.13 21.03
N LYS A 21 8.18 16.20 21.98
CA LYS A 21 6.85 15.69 22.38
C LYS A 21 6.06 16.77 23.11
N LEU A 22 4.75 16.56 23.20
CA LEU A 22 3.87 17.43 23.97
C LEU A 22 2.94 16.64 24.89
N ALA A 23 2.05 15.85 24.30
CA ALA A 23 1.04 15.14 25.10
C ALA A 23 0.43 13.99 24.32
N LYS A 24 -0.04 12.97 25.05
CA LYS A 24 -0.83 11.89 24.46
C LYS A 24 -2.17 12.46 24.05
N ILE A 25 -2.60 12.12 22.84
CA ILE A 25 -3.83 12.66 22.26
C ILE A 25 -4.90 11.62 21.91
N GLY A 26 -4.64 10.32 22.13
CA GLY A 26 -5.69 9.33 21.96
C GLY A 26 -5.34 7.85 22.13
N GLN A 27 -6.27 7.11 22.72
CA GLN A 27 -6.18 5.66 22.85
C GLN A 27 -6.85 4.99 21.66
N GLY A 28 -6.60 3.69 21.50
CA GLY A 28 -7.25 2.88 20.46
C GLY A 28 -6.57 1.54 20.19
N THR A 29 -6.74 1.03 18.97
CA THR A 29 -6.01 -0.15 18.49
C THR A 29 -4.52 0.21 18.37
N PHE A 30 -4.25 1.25 17.56
CA PHE A 30 -2.96 1.99 17.52
C PHE A 30 -2.29 2.26 18.89
N GLY A 31 -3.11 2.59 19.89
CA GLY A 31 -2.64 2.82 21.26
C GLY A 31 -2.04 4.20 21.50
N GLU A 32 -0.82 4.40 21.01
CA GLU A 32 0.05 5.49 21.44
C GLU A 32 0.27 6.55 20.35
N VAL A 33 -0.54 7.62 20.39
CA VAL A 33 -0.38 8.78 19.49
C VAL A 33 -0.11 10.06 20.29
N PHE A 34 1.00 10.71 19.98
CA PHE A 34 1.42 11.96 20.64
C PHE A 34 1.22 13.15 19.72
N LYS A 35 1.13 14.34 20.31
CA LYS A 35 1.31 15.58 19.58
C LYS A 35 2.75 16.03 19.78
N ALA A 36 3.31 16.69 18.79
CA ALA A 36 4.69 17.10 18.83
C ALA A 36 4.92 18.33 17.97
N ARG A 37 6.04 18.98 18.25
CA ARG A 37 6.39 20.26 17.68
C ARG A 37 7.77 20.15 17.06
N HIS A 38 7.92 20.56 15.80
CA HIS A 38 9.22 20.50 15.13
C HIS A 38 10.15 21.50 15.80
N ARG A 39 11.29 20.99 16.26
CA ARG A 39 12.18 21.73 17.15
C ARG A 39 12.74 23.03 16.59
N LYS A 40 12.73 23.17 15.26
CA LYS A 40 13.21 24.39 14.56
C LYS A 40 12.08 25.30 14.06
N THR A 41 11.12 24.74 13.33
CA THR A 41 10.04 25.50 12.69
C THR A 41 8.78 25.69 13.53
N GLY A 42 8.62 24.82 14.53
CA GLY A 42 7.41 24.82 15.34
C GLY A 42 6.22 24.19 14.65
N GLN A 43 6.45 23.50 13.55
CA GLN A 43 5.38 22.75 12.89
C GLN A 43 4.84 21.74 13.88
N LYS A 44 3.52 21.67 13.99
CA LYS A 44 2.88 20.70 14.88
C LYS A 44 2.58 19.43 14.08
N VAL A 45 2.92 18.27 14.65
CA VAL A 45 2.69 16.95 14.03
C VAL A 45 2.00 16.01 15.01
N ALA A 46 1.74 14.78 14.56
CA ALA A 46 1.28 13.70 15.42
C ALA A 46 2.17 12.49 15.20
N LEU A 47 2.72 11.96 16.29
CA LEU A 47 3.64 10.83 16.24
C LEU A 47 2.93 9.58 16.71
N LYS A 48 2.92 8.54 15.88
CA LYS A 48 2.32 7.25 16.23
C LYS A 48 3.40 6.17 16.22
N LYS A 49 3.62 5.52 17.35
CA LYS A 49 4.63 4.47 17.45
C LYS A 49 4.16 3.21 16.73
N VAL A 50 5.10 2.49 16.11
CA VAL A 50 4.83 1.20 15.47
C VAL A 50 4.80 0.12 16.55
N LEU A 51 3.60 -0.43 16.78
CA LEU A 51 3.38 -1.43 17.83
C LEU A 51 4.15 -2.71 17.57
N MET A 52 4.72 -3.27 18.64
CA MET A 52 5.67 -4.36 18.54
C MET A 52 5.45 -5.39 19.66
N GLU A 53 4.19 -5.63 20.02
CA GLU A 53 3.88 -6.44 21.20
C GLU A 53 4.21 -7.89 20.86
N ASN A 54 5.45 -8.27 21.16
CA ASN A 54 6.02 -9.58 20.82
C ASN A 54 5.77 -9.96 19.35
N GLU A 55 6.56 -9.37 18.46
CA GLU A 55 6.51 -9.71 17.04
C GLU A 55 7.71 -10.59 16.70
N LYS A 56 7.42 -11.86 16.40
CA LYS A 56 8.43 -12.89 16.13
C LYS A 56 8.61 -13.13 14.62
N GLU A 57 8.18 -12.18 13.79
CA GLU A 57 8.33 -12.26 12.34
C GLU A 57 8.88 -10.94 11.77
N GLY A 58 9.83 -10.34 12.49
CA GLY A 58 10.38 -9.06 12.09
C GLY A 58 9.33 -7.95 12.04
N PHE A 59 9.61 -6.93 11.23
CA PHE A 59 8.75 -5.75 11.12
C PHE A 59 7.31 -6.13 10.74
N PRO A 60 6.30 -5.60 11.47
CA PRO A 60 4.93 -6.06 11.25
C PRO A 60 4.45 -5.84 9.83
N ILE A 61 3.97 -6.92 9.20
CA ILE A 61 3.43 -6.86 7.83
C ILE A 61 2.20 -5.94 7.71
N THR A 62 1.45 -5.81 8.80
CA THR A 62 0.35 -4.86 8.91
C THR A 62 0.88 -3.42 8.81
N ALA A 63 2.03 -3.18 9.41
CA ALA A 63 2.69 -1.86 9.34
C ALA A 63 3.15 -1.56 7.94
N LEU A 64 3.73 -2.56 7.26
CA LEU A 64 4.15 -2.40 5.87
C LEU A 64 2.96 -2.09 4.95
N ARG A 65 1.81 -2.68 5.22
CA ARG A 65 0.57 -2.45 4.48
C ARG A 65 0.03 -1.03 4.73
N GLU A 66 -0.05 -0.63 6.00
CA GLU A 66 -0.48 0.72 6.38
C GLU A 66 0.45 1.77 5.76
N ILE A 67 1.75 1.54 5.85
CA ILE A 67 2.76 2.48 5.34
C ILE A 67 2.70 2.62 3.82
N LYS A 68 2.56 1.49 3.13
CA LYS A 68 2.44 1.47 1.67
C LYS A 68 1.23 2.27 1.23
N ILE A 69 0.14 2.18 1.98
CA ILE A 69 -1.12 2.87 1.66
C ILE A 69 -0.99 4.39 1.91
N LEU A 70 -0.60 4.80 3.12
CA LEU A 70 -0.37 6.23 3.44
C LEU A 70 0.59 6.97 2.49
N GLN A 71 1.56 6.24 1.94
CA GLN A 71 2.46 6.77 0.92
C GLN A 71 1.77 6.94 -0.42
N LEU A 72 0.92 5.97 -0.80
CA LEU A 72 0.12 6.08 -2.02
C LEU A 72 -0.87 7.24 -1.96
N LEU A 73 -1.75 7.20 -0.95
CA LEU A 73 -2.86 8.17 -0.83
C LEU A 73 -2.39 9.56 -0.39
N LYS A 74 -2.38 10.51 -1.32
CA LYS A 74 -2.10 11.92 -1.00
C LYS A 74 -3.22 12.74 -1.63
N HIS A 75 -3.98 13.42 -0.80
CA HIS A 75 -5.23 14.08 -1.22
C HIS A 75 -5.69 14.99 -0.09
N GLU A 76 -6.36 16.09 -0.43
CA GLU A 76 -6.77 17.07 0.57
C GLU A 76 -7.57 16.48 1.73
N ASN A 77 -8.44 15.49 1.45
CA ASN A 77 -9.33 14.89 2.46
C ASN A 77 -8.86 13.53 3.04
N VAL A 78 -7.57 13.23 2.91
CA VAL A 78 -6.95 12.06 3.57
C VAL A 78 -5.68 12.50 4.33
N VAL A 79 -5.55 12.03 5.57
CA VAL A 79 -4.48 12.47 6.49
C VAL A 79 -3.10 12.27 5.88
N ASN A 80 -2.22 13.28 6.00
CA ASN A 80 -0.89 13.22 5.38
C ASN A 80 0.13 12.53 6.26
N LEU A 81 0.77 11.49 5.73
CA LEU A 81 1.99 10.95 6.31
C LEU A 81 3.11 11.84 5.78
N ILE A 82 3.83 12.50 6.69
CA ILE A 82 4.95 13.34 6.31
C ILE A 82 6.14 12.42 6.02
N GLU A 83 6.55 11.69 7.05
CA GLU A 83 7.74 10.87 6.96
C GLU A 83 7.66 9.77 8.01
N ILE A 84 8.68 8.91 8.04
CA ILE A 84 8.83 7.88 9.08
C ILE A 84 10.13 8.18 9.83
N CYS A 85 10.12 7.95 11.15
CA CYS A 85 11.25 8.23 12.03
C CYS A 85 11.60 7.08 12.95
N ARG A 86 12.83 7.12 13.46
CA ARG A 86 13.41 6.05 14.27
C ARG A 86 13.92 6.61 15.61
N THR A 87 14.66 5.78 16.35
CA THR A 87 15.17 6.19 17.64
C THR A 87 16.24 5.21 18.11
N LYS A 88 17.48 5.43 17.66
CA LYS A 88 18.68 4.68 18.12
C LYS A 88 18.73 3.18 17.77
N ALA A 89 19.87 2.57 18.08
CA ALA A 89 20.06 1.11 18.08
C ALA A 89 20.04 0.60 19.52
N SER A 90 20.48 -0.64 19.73
CA SER A 90 20.74 -1.20 21.07
C SER A 90 19.50 -1.24 21.98
N GLY A 97 15.32 -0.09 19.68
CA GLY A 97 14.89 0.13 18.30
C GLY A 97 13.38 0.29 18.18
N SER A 98 12.94 1.45 17.68
CA SER A 98 11.50 1.75 17.53
C SER A 98 11.28 2.64 16.32
N ILE A 99 10.05 2.67 15.82
CA ILE A 99 9.71 3.42 14.60
C ILE A 99 8.42 4.20 14.81
N TYR A 100 8.41 5.46 14.39
CA TYR A 100 7.25 6.34 14.57
C TYR A 100 6.77 6.87 13.22
N LEU A 101 5.45 6.83 13.00
CA LEU A 101 4.81 7.48 11.87
C LEU A 101 4.53 8.92 12.26
N VAL A 102 4.79 9.85 11.35
CA VAL A 102 4.68 11.28 11.62
C VAL A 102 3.64 11.87 10.68
N PHE A 103 2.59 12.48 11.23
CA PHE A 103 1.47 13.00 10.46
C PHE A 103 1.27 14.50 10.64
N ASP A 104 0.85 15.19 9.58
CA ASP A 104 0.45 16.60 9.67
C ASP A 104 -0.68 16.67 10.68
N PHE A 105 -0.55 17.52 11.70
CA PHE A 105 -1.47 17.54 12.84
C PHE A 105 -2.85 18.12 12.52
N CYS A 106 -3.88 17.53 13.11
CA CYS A 106 -5.29 17.92 12.92
C CYS A 106 -5.93 18.17 14.28
N GLU A 107 -6.49 19.36 14.45
CA GLU A 107 -7.00 19.80 15.74
C GLU A 107 -8.06 18.88 16.35
N HIS A 108 -9.12 18.59 15.58
CA HIS A 108 -10.31 17.88 16.10
C HIS A 108 -10.58 16.56 15.41
N ASP A 109 -11.45 15.76 16.03
CA ASP A 109 -12.16 14.65 15.36
C ASP A 109 -13.67 14.89 15.45
N LEU A 110 -14.42 14.21 14.61
CA LEU A 110 -15.87 14.45 14.47
C LEU A 110 -16.67 13.99 15.71
N ALA A 111 -16.31 12.83 16.26
CA ALA A 111 -16.93 12.32 17.49
C ALA A 111 -16.73 13.26 18.69
N GLY A 112 -15.58 13.91 18.75
CA GLY A 112 -15.29 14.92 19.78
C GLY A 112 -16.11 16.19 19.67
N LEU A 113 -16.37 16.63 18.43
CA LEU A 113 -17.18 17.82 18.16
C LEU A 113 -18.68 17.54 18.27
N LEU A 114 -19.11 16.38 17.76
CA LEU A 114 -20.50 15.95 17.89
C LEU A 114 -20.86 15.71 19.35
N SER A 115 -19.98 15.04 20.08
CA SER A 115 -20.22 14.75 21.50
C SER A 115 -20.11 15.98 22.41
N ASN A 116 -19.49 17.05 21.91
CA ASN A 116 -19.58 18.36 22.57
C ASN A 116 -20.94 18.98 22.24
N VAL A 117 -21.74 19.25 23.27
CA VAL A 117 -23.04 19.92 23.10
C VAL A 117 -22.95 21.41 22.69
N LEU A 118 -21.81 22.05 22.98
CA LEU A 118 -21.57 23.48 22.67
C LEU A 118 -21.16 23.80 21.21
N VAL A 119 -20.52 22.86 20.52
CA VAL A 119 -20.30 22.98 19.07
C VAL A 119 -21.63 22.71 18.36
N LYS A 120 -21.95 23.51 17.34
CA LYS A 120 -23.19 23.35 16.58
C LYS A 120 -22.97 23.62 15.09
N PHE A 121 -23.64 22.82 14.25
CA PHE A 121 -23.48 22.87 12.80
C PHE A 121 -24.74 23.34 12.10
N THR A 122 -24.61 24.31 11.21
CA THR A 122 -25.69 24.66 10.28
C THR A 122 -25.83 23.58 9.23
N LEU A 123 -26.98 23.57 8.55
CA LEU A 123 -27.23 22.70 7.40
C LEU A 123 -26.17 22.89 6.30
N SER A 124 -25.73 24.14 6.07
CA SER A 124 -24.67 24.45 5.10
C SER A 124 -23.30 23.92 5.54
N GLU A 125 -23.03 24.03 6.84
CA GLU A 125 -21.82 23.49 7.44
C GLU A 125 -21.79 21.97 7.39
N ILE A 126 -22.92 21.33 7.68
CA ILE A 126 -23.00 19.85 7.61
C ILE A 126 -22.75 19.34 6.21
N LYS A 127 -23.27 20.03 5.20
CA LYS A 127 -23.03 19.67 3.80
C LYS A 127 -21.54 19.57 3.48
N ARG A 128 -20.82 20.65 3.77
CA ARG A 128 -19.39 20.74 3.48
C ARG A 128 -18.59 19.62 4.18
N VAL A 129 -19.05 19.14 5.33
CA VAL A 129 -18.43 17.97 5.99
C VAL A 129 -18.56 16.75 5.09
N MET A 130 -19.80 16.43 4.72
CA MET A 130 -20.07 15.24 3.90
C MET A 130 -19.50 15.35 2.49
N GLN A 131 -19.39 16.56 1.97
CA GLN A 131 -18.78 16.77 0.66
C GLN A 131 -17.29 16.42 0.72
N MET A 132 -16.63 16.83 1.79
CA MET A 132 -15.21 16.47 2.01
C MET A 132 -15.03 14.96 2.29
N LEU A 133 -15.94 14.36 3.05
CA LEU A 133 -15.86 12.93 3.43
C LEU A 133 -16.08 11.99 2.26
N LEU A 134 -17.13 12.26 1.49
CA LEU A 134 -17.43 11.49 0.29
C LEU A 134 -16.39 11.70 -0.83
N ASN A 135 -15.80 12.90 -0.92
CA ASN A 135 -14.73 13.14 -1.90
C ASN A 135 -13.46 12.39 -1.50
N GLY A 136 -13.19 12.30 -0.19
CA GLY A 136 -12.10 11.49 0.32
C GLY A 136 -12.29 10.01 0.00
N LEU A 137 -13.51 9.51 0.21
CA LEU A 137 -13.89 8.14 -0.18
C LEU A 137 -13.94 7.90 -1.68
N TYR A 138 -14.24 8.94 -2.47
CA TYR A 138 -14.08 8.84 -3.91
C TYR A 138 -12.63 8.58 -4.24
N TYR A 139 -11.75 9.36 -3.63
CA TYR A 139 -10.32 9.27 -3.90
C TYR A 139 -9.72 7.90 -3.56
N ILE A 140 -10.06 7.33 -2.39
CA ILE A 140 -9.43 6.08 -1.96
C ILE A 140 -9.96 4.86 -2.72
N HIS A 141 -11.27 4.80 -2.97
CA HIS A 141 -11.86 3.71 -3.75
C HIS A 141 -11.44 3.76 -5.22
N ARG A 142 -11.23 4.97 -5.75
CA ARG A 142 -10.67 5.15 -7.09
C ARG A 142 -9.24 4.63 -7.12
N ASN A 143 -8.52 4.78 -6.01
CA ASN A 143 -7.17 4.24 -5.86
C ASN A 143 -7.05 2.77 -5.43
N LYS A 144 -8.17 2.03 -5.47
CA LYS A 144 -8.22 0.60 -5.13
C LYS A 144 -7.78 0.35 -3.70
N ILE A 145 -8.43 1.03 -2.76
CA ILE A 145 -8.20 0.84 -1.32
C ILE A 145 -9.53 0.87 -0.57
N LEU A 146 -9.73 -0.09 0.33
CA LEU A 146 -10.86 -0.03 1.26
C LEU A 146 -10.32 0.43 2.60
N HIS A 147 -11.00 1.40 3.20
CA HIS A 147 -10.69 1.88 4.56
C HIS A 147 -10.95 0.74 5.57
N ARG A 148 -12.18 0.21 5.52
CA ARG A 148 -12.66 -0.88 6.38
C ARG A 148 -12.74 -0.57 7.87
N ASP A 149 -12.84 0.71 8.22
CA ASP A 149 -12.96 1.12 9.62
C ASP A 149 -13.50 2.55 9.72
N MET A 150 -14.61 2.79 9.03
CA MET A 150 -15.25 4.10 9.07
C MET A 150 -15.96 4.25 10.40
N LYS A 151 -15.68 5.35 11.10
CA LYS A 151 -16.49 5.83 12.22
C LYS A 151 -16.23 7.32 12.45
N ALA A 152 -16.97 7.95 13.36
CA ALA A 152 -16.79 9.37 13.63
C ALA A 152 -15.36 9.72 14.12
N ALA A 153 -14.82 8.92 15.04
CA ALA A 153 -13.48 9.15 15.61
C ALA A 153 -12.35 9.23 14.55
N ASN A 154 -12.48 8.46 13.46
CA ASN A 154 -11.52 8.46 12.33
C ASN A 154 -11.77 9.58 11.29
N VAL A 155 -12.62 10.54 11.60
CA VAL A 155 -12.85 11.70 10.73
C VAL A 155 -12.27 12.93 11.43
N LEU A 156 -11.07 13.28 11.03
CA LEU A 156 -10.34 14.41 11.60
C LEU A 156 -10.66 15.68 10.81
N ILE A 157 -10.74 16.80 11.52
CA ILE A 157 -10.89 18.12 10.92
C ILE A 157 -9.78 19.02 11.44
N THR A 158 -9.09 19.71 10.53
CA THR A 158 -7.99 20.61 10.86
C THR A 158 -8.49 21.90 11.52
N ARG A 159 -7.57 22.78 11.88
CA ARG A 159 -7.90 24.12 12.38
C ARG A 159 -8.69 24.91 11.34
N ASP A 160 -8.24 24.84 10.08
CA ASP A 160 -8.88 25.57 8.95
C ASP A 160 -10.32 25.15 8.69
N GLY A 161 -10.63 23.87 8.95
CA GLY A 161 -11.93 23.27 8.63
C GLY A 161 -11.87 22.21 7.53
N VAL A 162 -10.68 21.67 7.26
CA VAL A 162 -10.50 20.68 6.21
C VAL A 162 -10.68 19.32 6.85
N LEU A 163 -11.65 18.56 6.35
CA LEU A 163 -11.85 17.18 6.78
C LEU A 163 -10.71 16.32 6.27
N LYS A 164 -10.31 15.34 7.09
CA LYS A 164 -9.24 14.40 6.74
C LYS A 164 -9.54 13.01 7.30
N LEU A 165 -9.62 12.02 6.42
CA LEU A 165 -9.80 10.63 6.82
C LEU A 165 -8.53 10.05 7.46
N ALA A 166 -8.72 9.18 8.45
CA ALA A 166 -7.62 8.73 9.30
C ALA A 166 -7.71 7.26 9.73
N ASP A 167 -6.63 6.79 10.35
CA ASP A 167 -6.44 5.41 10.81
C ASP A 167 -6.73 4.36 9.72
N PHE A 168 -5.70 4.12 8.90
CA PHE A 168 -5.71 3.09 7.86
C PHE A 168 -5.12 1.77 8.38
N GLY A 169 -5.31 1.49 9.67
CA GLY A 169 -4.73 0.31 10.29
C GLY A 169 -5.29 -0.96 9.71
N LEU A 170 -6.61 -0.95 9.47
CA LEU A 170 -7.32 -2.10 8.91
C LEU A 170 -7.57 -1.97 7.41
N ALA A 171 -6.87 -1.06 6.75
CA ALA A 171 -7.10 -0.83 5.32
C ALA A 171 -6.38 -1.87 4.47
N ARG A 172 -6.88 -2.03 3.25
CA ARG A 172 -6.27 -2.94 2.29
C ARG A 172 -6.64 -2.56 0.87
N ALA A 173 -5.83 -3.04 -0.06
CA ALA A 173 -6.11 -2.94 -1.49
C ALA A 173 -7.19 -3.91 -1.89
N PHE A 174 -7.88 -3.61 -3.00
CA PHE A 174 -8.94 -4.48 -3.48
C PHE A 174 -8.93 -4.63 -4.98
N SER A 175 -9.39 -5.79 -5.43
CA SER A 175 -9.32 -6.22 -6.81
C SER A 175 -10.69 -6.16 -7.46
N LEU A 176 -10.69 -6.21 -8.79
CA LEU A 176 -11.91 -6.29 -9.61
C LEU A 176 -12.39 -7.75 -9.65
N ALA A 177 -11.43 -8.69 -9.76
CA ALA A 177 -11.72 -10.12 -9.64
C ALA A 177 -10.46 -10.91 -9.30
N GLN A 181 -12.40 -14.21 -10.62
CA GLN A 181 -12.86 -15.20 -9.64
C GLN A 181 -13.41 -14.51 -8.39
N PRO A 182 -14.19 -15.25 -7.57
CA PRO A 182 -14.82 -14.60 -6.41
C PRO A 182 -13.83 -14.26 -5.28
N ASN A 183 -13.83 -12.99 -4.86
CA ASN A 183 -12.89 -12.47 -3.81
C ASN A 183 -13.10 -13.14 -2.45
N ARG A 184 -12.04 -13.10 -1.63
CA ARG A 184 -11.97 -13.82 -0.37
C ARG A 184 -11.28 -12.96 0.70
N TYR A 185 -11.88 -11.80 1.02
CA TYR A 185 -11.32 -10.83 1.99
C TYR A 185 -11.76 -11.14 3.44
N TPO A 186 -11.07 -10.52 4.39
CA TPO A 186 -11.34 -10.68 5.83
CB TPO A 186 -10.25 -9.94 6.63
CG2 TPO A 186 -10.42 -10.05 8.14
OG1 TPO A 186 -8.98 -10.48 6.26
P TPO A 186 -7.90 -9.31 5.95
O1P TPO A 186 -8.32 -8.72 4.63
O2P TPO A 186 -7.89 -8.29 7.07
O3P TPO A 186 -6.54 -9.97 5.83
C TPO A 186 -12.67 -10.13 6.25
O TPO A 186 -13.04 -9.01 5.86
N ASN A 187 -13.40 -10.87 7.10
CA ASN A 187 -14.77 -10.51 7.51
C ASN A 187 -14.88 -9.73 8.83
N ARG A 188 -13.97 -10.00 9.78
CA ARG A 188 -13.91 -9.28 11.07
C ARG A 188 -13.33 -7.85 10.90
N VAL A 189 -14.10 -6.95 10.28
CA VAL A 189 -13.68 -5.55 10.06
C VAL A 189 -14.82 -4.57 10.30
N VAL A 190 -14.43 -3.30 10.47
CA VAL A 190 -15.31 -2.18 10.87
C VAL A 190 -15.74 -2.32 12.33
N THR A 191 -15.80 -1.17 13.01
CA THR A 191 -16.37 -1.10 14.36
C THR A 191 -17.82 -1.55 14.26
N LEU A 192 -18.24 -2.36 15.23
CA LEU A 192 -19.54 -3.05 15.18
C LEU A 192 -20.71 -2.12 14.82
N TRP A 193 -20.74 -0.94 15.43
CA TRP A 193 -21.83 0.03 15.22
C TRP A 193 -21.95 0.58 13.80
N TYR A 194 -20.86 0.55 13.03
CA TYR A 194 -20.84 1.04 11.65
C TYR A 194 -20.64 -0.09 10.62
N ARG A 195 -20.79 -1.34 11.05
CA ARG A 195 -20.56 -2.48 10.16
C ARG A 195 -21.76 -2.65 9.22
N PRO A 196 -21.50 -2.93 7.92
CA PRO A 196 -22.61 -3.20 6.99
C PRO A 196 -23.26 -4.58 7.20
N PRO A 197 -24.49 -4.78 6.67
CA PRO A 197 -25.14 -6.09 6.75
C PRO A 197 -24.46 -7.21 5.93
N GLU A 198 -23.71 -6.86 4.90
CA GLU A 198 -22.86 -7.82 4.18
C GLU A 198 -21.99 -8.63 5.13
N LEU A 199 -21.26 -7.91 5.98
CA LEU A 199 -20.23 -8.48 6.84
C LEU A 199 -20.85 -9.20 8.02
N LEU A 200 -21.93 -8.65 8.57
CA LEU A 200 -22.71 -9.32 9.62
C LEU A 200 -23.47 -10.57 9.13
N LEU A 201 -23.55 -10.80 7.82
CA LEU A 201 -24.02 -12.09 7.26
C LEU A 201 -22.89 -12.93 6.63
N GLY A 202 -21.64 -12.65 7.02
CA GLY A 202 -20.48 -13.46 6.64
C GLY A 202 -19.79 -13.18 5.31
N GLU A 203 -20.11 -12.06 4.66
CA GLU A 203 -19.59 -11.78 3.32
C GLU A 203 -18.07 -11.59 3.33
N ARG A 204 -17.39 -12.36 2.49
CA ARG A 204 -15.94 -12.23 2.26
C ARG A 204 -15.60 -11.57 0.92
N ASP A 205 -16.58 -11.48 0.01
CA ASP A 205 -16.45 -10.78 -1.29
C ASP A 205 -17.19 -9.44 -1.25
N TYR A 206 -16.52 -8.44 -0.69
CA TYR A 206 -17.06 -7.09 -0.59
C TYR A 206 -16.09 -6.14 -1.26
N GLY A 207 -16.48 -4.87 -1.31
CA GLY A 207 -15.66 -3.81 -1.91
C GLY A 207 -16.03 -2.44 -1.37
N PRO A 208 -15.93 -1.38 -2.21
CA PRO A 208 -16.23 -0.01 -1.82
C PRO A 208 -17.50 0.25 -0.99
N PRO A 209 -18.63 -0.44 -1.28
CA PRO A 209 -19.86 -0.13 -0.53
C PRO A 209 -19.84 -0.25 1.01
N ILE A 210 -18.91 -1.02 1.59
CA ILE A 210 -18.85 -1.18 3.06
C ILE A 210 -18.50 0.12 3.79
N ASP A 211 -17.71 0.97 3.14
CA ASP A 211 -17.34 2.28 3.68
C ASP A 211 -18.47 3.29 3.50
N LEU A 212 -19.23 3.16 2.42
CA LEU A 212 -20.38 4.05 2.18
C LEU A 212 -21.51 3.83 3.18
N TRP A 213 -21.66 2.60 3.65
CA TRP A 213 -22.58 2.31 4.75
C TRP A 213 -22.17 3.06 6.02
N GLY A 214 -20.87 3.08 6.30
CA GLY A 214 -20.31 3.81 7.43
C GLY A 214 -20.53 5.31 7.33
N ALA A 215 -20.42 5.84 6.11
CA ALA A 215 -20.67 7.26 5.86
C ALA A 215 -22.12 7.62 6.16
N GLY A 216 -23.06 6.77 5.72
CA GLY A 216 -24.48 6.93 6.03
C GLY A 216 -24.74 6.98 7.53
N CYS A 217 -24.09 6.10 8.28
CA CYS A 217 -24.14 6.13 9.74
C CYS A 217 -23.59 7.44 10.28
N ILE A 218 -22.43 7.85 9.76
CA ILE A 218 -21.83 9.11 10.16
C ILE A 218 -22.73 10.30 9.81
N MET A 219 -23.30 10.31 8.59
CA MET A 219 -24.26 11.37 8.21
C MET A 219 -25.30 11.56 9.30
N ALA A 220 -26.07 10.51 9.57
CA ALA A 220 -27.15 10.57 10.56
C ALA A 220 -26.65 11.12 11.90
N GLU A 221 -25.44 10.71 12.26
CA GLU A 221 -24.79 11.14 13.48
C GLU A 221 -24.61 12.66 13.55
N MET A 222 -24.41 13.31 12.40
CA MET A 222 -24.30 14.79 12.35
C MET A 222 -25.52 15.49 12.97
N TRP A 223 -26.71 14.89 12.85
CA TRP A 223 -27.91 15.45 13.47
C TRP A 223 -28.25 14.84 14.83
N THR A 224 -28.13 13.52 14.95
CA THR A 224 -28.45 12.84 16.21
C THR A 224 -27.39 13.06 17.31
N ARG A 225 -26.19 13.49 16.92
CA ARG A 225 -25.07 13.78 17.84
C ARG A 225 -24.59 12.55 18.65
N SER A 226 -24.88 11.35 18.14
CA SER A 226 -24.63 10.09 18.86
C SER A 226 -24.86 8.93 17.88
N PRO A 227 -23.97 7.91 17.88
CA PRO A 227 -24.13 6.81 16.92
C PRO A 227 -25.52 6.20 16.96
N ILE A 228 -26.09 5.96 15.79
CA ILE A 228 -27.52 5.64 15.65
C ILE A 228 -27.89 4.18 15.95
N MET A 229 -26.98 3.24 15.66
CA MET A 229 -27.23 1.81 15.92
C MET A 229 -26.16 1.20 16.83
N GLN A 230 -26.37 1.40 18.14
CA GLN A 230 -25.45 0.95 19.17
C GLN A 230 -25.80 -0.46 19.62
N GLY A 231 -25.41 -1.43 18.79
CA GLY A 231 -25.65 -2.84 19.08
C GLY A 231 -24.61 -3.43 20.01
N ASN A 232 -25.08 -4.15 21.05
CA ASN A 232 -24.19 -4.82 22.01
C ASN A 232 -23.51 -6.04 21.36
N THR A 233 -24.29 -7.07 21.05
CA THR A 233 -23.78 -8.26 20.36
C THR A 233 -23.90 -8.04 18.86
N GLU A 234 -23.44 -9.00 18.07
CA GLU A 234 -23.58 -8.93 16.62
C GLU A 234 -25.01 -9.24 16.15
N GLN A 235 -25.71 -10.08 16.91
CA GLN A 235 -27.13 -10.36 16.64
C GLN A 235 -27.98 -9.14 16.95
N HIS A 236 -27.64 -8.46 18.05
CA HIS A 236 -28.28 -7.21 18.48
C HIS A 236 -28.15 -6.19 17.35
N GLN A 237 -26.92 -6.00 16.88
CA GLN A 237 -26.63 -5.10 15.75
C GLN A 237 -27.51 -5.40 14.55
N LEU A 238 -27.57 -6.68 14.17
CA LEU A 238 -28.30 -7.11 12.98
C LEU A 238 -29.83 -6.99 13.12
N ALA A 239 -30.34 -7.25 14.32
CA ALA A 239 -31.76 -7.02 14.63
C ALA A 239 -32.10 -5.53 14.73
N LEU A 240 -31.11 -4.71 15.04
CA LEU A 240 -31.25 -3.25 15.15
C LEU A 240 -31.19 -2.51 13.80
N ILE A 241 -30.45 -3.06 12.83
CA ILE A 241 -30.50 -2.62 11.42
C ILE A 241 -31.84 -3.03 10.81
N SER A 242 -32.29 -4.25 11.11
CA SER A 242 -33.61 -4.75 10.75
C SER A 242 -34.72 -3.78 11.15
N GLN A 243 -34.57 -3.20 12.34
CA GLN A 243 -35.52 -2.22 12.90
C GLN A 243 -35.58 -0.93 12.07
N LEU A 244 -34.42 -0.35 11.79
CA LEU A 244 -34.31 0.93 11.09
C LEU A 244 -34.51 0.81 9.58
N CYS A 245 -33.83 -0.16 8.97
CA CYS A 245 -33.80 -0.33 7.51
C CYS A 245 -34.85 -1.31 6.95
N GLY A 246 -35.69 -1.88 7.81
CA GLY A 246 -36.59 -2.94 7.41
C GLY A 246 -35.87 -4.28 7.32
N SER A 247 -36.63 -5.34 7.13
CA SER A 247 -36.10 -6.70 7.16
C SER A 247 -35.26 -7.03 5.93
N ILE A 248 -34.54 -8.15 6.02
CA ILE A 248 -33.66 -8.63 4.95
C ILE A 248 -34.33 -9.78 4.18
N THR A 249 -35.26 -9.41 3.30
CA THR A 249 -35.89 -10.36 2.37
C THR A 249 -35.07 -10.46 1.08
N PRO A 250 -35.25 -11.53 0.29
CA PRO A 250 -34.68 -11.57 -1.06
C PRO A 250 -35.38 -10.68 -2.11
N GLU A 251 -36.52 -10.07 -1.79
CA GLU A 251 -37.11 -9.05 -2.67
C GLU A 251 -36.33 -7.74 -2.60
N VAL A 252 -36.06 -7.30 -1.38
CA VAL A 252 -35.26 -6.08 -1.10
C VAL A 252 -33.77 -6.31 -1.41
N TRP A 253 -33.30 -7.55 -1.21
CA TRP A 253 -31.90 -7.95 -1.39
C TRP A 253 -31.79 -9.24 -2.23
N PRO A 254 -31.93 -9.14 -3.58
CA PRO A 254 -31.83 -10.28 -4.50
C PRO A 254 -30.64 -11.23 -4.26
N ASN A 255 -30.95 -12.52 -4.13
CA ASN A 255 -29.97 -13.59 -3.87
C ASN A 255 -29.21 -13.48 -2.53
N VAL A 256 -29.83 -12.86 -1.52
CA VAL A 256 -29.37 -12.97 -0.12
C VAL A 256 -29.51 -14.44 0.36
N ASP A 257 -30.46 -15.17 -0.25
CA ASP A 257 -30.58 -16.65 -0.18
C ASP A 257 -29.28 -17.39 0.06
N ASN A 258 -28.30 -17.12 -0.80
CA ASN A 258 -27.05 -17.90 -0.84
C ASN A 258 -26.01 -17.53 0.23
N TYR A 259 -26.37 -16.66 1.18
CA TYR A 259 -25.59 -16.54 2.43
C TYR A 259 -25.83 -17.74 3.33
N GLU A 260 -24.77 -18.15 4.01
CA GLU A 260 -24.82 -19.30 4.91
C GLU A 260 -25.48 -18.92 6.24
N LEU A 261 -25.05 -17.78 6.79
CA LEU A 261 -25.59 -17.26 8.06
C LEU A 261 -27.07 -16.84 7.95
N TYR A 262 -27.54 -16.53 6.74
CA TYR A 262 -28.94 -16.14 6.48
C TYR A 262 -29.99 -17.07 7.11
N GLU A 263 -29.76 -18.39 7.01
CA GLU A 263 -30.69 -19.39 7.52
C GLU A 263 -30.58 -19.52 9.04
N LYS A 264 -29.36 -19.85 9.52
CA LYS A 264 -29.15 -20.21 10.93
C LYS A 264 -29.38 -19.04 11.89
N LEU A 265 -28.86 -17.88 11.53
CA LEU A 265 -28.96 -16.67 12.37
C LEU A 265 -30.40 -16.13 12.35
N GLU A 266 -30.96 -15.86 13.54
CA GLU A 266 -32.29 -15.23 13.69
C GLU A 266 -32.40 -13.91 12.92
N LEU A 267 -33.58 -13.65 12.36
CA LEU A 267 -33.75 -12.58 11.40
C LEU A 267 -35.20 -12.14 11.34
N VAL A 268 -35.46 -10.90 11.74
CA VAL A 268 -36.83 -10.44 12.02
C VAL A 268 -37.56 -10.21 10.68
N LYS A 269 -38.69 -10.90 10.50
CA LYS A 269 -39.47 -10.84 9.26
C LYS A 269 -40.34 -9.57 9.19
N GLY A 270 -41.32 -9.46 10.08
CA GLY A 270 -42.29 -8.37 10.04
C GLY A 270 -41.67 -7.07 10.52
N GLN A 271 -40.89 -6.44 9.64
CA GLN A 271 -40.15 -5.22 9.97
C GLN A 271 -40.06 -4.34 8.74
N LYS A 272 -40.79 -3.22 8.74
CA LYS A 272 -40.78 -2.28 7.63
C LYS A 272 -39.63 -1.26 7.76
N ARG A 273 -39.32 -0.62 6.63
CA ARG A 273 -38.20 0.33 6.55
C ARG A 273 -38.61 1.69 7.13
N LYS A 274 -38.08 2.01 8.30
CA LYS A 274 -38.54 3.14 9.12
C LYS A 274 -37.43 4.18 9.31
N VAL A 275 -36.61 4.35 8.28
CA VAL A 275 -35.36 5.13 8.38
C VAL A 275 -35.57 6.65 8.34
N LYS A 276 -36.48 7.10 7.48
CA LYS A 276 -36.79 8.53 7.36
C LYS A 276 -37.75 8.98 8.46
N ASP A 277 -38.67 8.10 8.85
CA ASP A 277 -39.58 8.33 9.99
C ASP A 277 -38.82 8.62 11.29
N ARG A 278 -37.84 7.77 11.59
CA ARG A 278 -37.12 7.85 12.87
C ARG A 278 -36.12 9.00 12.93
N LEU A 279 -35.66 9.47 11.76
CA LEU A 279 -34.72 10.59 11.67
C LEU A 279 -35.37 11.98 11.35
N LYS A 280 -36.68 12.02 11.05
CA LYS A 280 -37.43 13.28 10.90
C LYS A 280 -37.02 14.30 11.97
N ALA A 281 -37.17 13.89 13.23
CA ALA A 281 -37.04 14.78 14.40
C ALA A 281 -35.61 15.15 14.79
N TYR A 282 -34.62 14.80 13.96
CA TYR A 282 -33.24 15.31 14.08
C TYR A 282 -32.85 16.07 12.82
N VAL A 283 -32.93 15.39 11.67
CA VAL A 283 -32.68 16.02 10.37
C VAL A 283 -33.99 16.51 9.74
N ARG A 284 -34.13 17.83 9.66
CA ARG A 284 -35.37 18.48 9.19
C ARG A 284 -35.46 18.43 7.67
N ASP A 285 -34.29 18.57 7.03
CA ASP A 285 -34.16 18.72 5.58
C ASP A 285 -34.59 17.47 4.81
N PRO A 286 -35.36 17.64 3.70
CA PRO A 286 -35.87 16.46 2.97
C PRO A 286 -34.84 15.75 2.08
N TYR A 287 -33.84 16.49 1.59
CA TYR A 287 -32.77 15.92 0.76
C TYR A 287 -31.84 15.08 1.60
N ALA A 288 -31.45 15.59 2.78
CA ALA A 288 -30.55 14.86 3.69
C ALA A 288 -31.14 13.52 4.13
N LEU A 289 -32.45 13.53 4.43
CA LEU A 289 -33.20 12.29 4.70
C LEU A 289 -33.10 11.30 3.52
N ASP A 290 -33.28 11.80 2.30
CA ASP A 290 -33.20 10.96 1.10
C ASP A 290 -31.80 10.41 0.83
N LEU A 291 -30.76 11.20 1.13
CA LEU A 291 -29.38 10.74 0.94
C LEU A 291 -29.03 9.63 1.94
N ILE A 292 -29.44 9.80 3.20
CA ILE A 292 -29.18 8.80 4.23
C ILE A 292 -29.91 7.48 3.93
N ASP A 293 -31.11 7.58 3.33
CA ASP A 293 -31.86 6.41 2.84
C ASP A 293 -31.12 5.63 1.75
N LYS A 294 -30.41 6.35 0.87
CA LYS A 294 -29.66 5.72 -0.21
C LYS A 294 -28.27 5.23 0.18
N LEU A 295 -27.76 5.68 1.34
CA LEU A 295 -26.51 5.15 1.91
C LEU A 295 -26.76 3.95 2.81
N LEU A 296 -27.86 3.96 3.55
CA LEU A 296 -28.24 2.84 4.40
C LEU A 296 -29.18 1.87 3.68
N VAL A 297 -28.76 1.45 2.50
CA VAL A 297 -29.43 0.40 1.75
C VAL A 297 -28.81 -0.91 2.24
N LEU A 298 -29.62 -1.96 2.35
CA LEU A 298 -29.14 -3.27 2.78
C LEU A 298 -28.31 -3.91 1.68
N ASP A 299 -28.90 -3.97 0.48
CA ASP A 299 -28.24 -4.49 -0.70
C ASP A 299 -27.09 -3.55 -1.07
N PRO A 300 -25.86 -4.07 -1.15
CA PRO A 300 -24.72 -3.23 -1.60
C PRO A 300 -24.81 -2.79 -3.06
N ALA A 301 -25.43 -3.63 -3.90
CA ALA A 301 -25.63 -3.33 -5.31
C ALA A 301 -26.57 -2.15 -5.54
N GLN A 302 -27.60 -2.01 -4.70
CA GLN A 302 -28.53 -0.86 -4.77
C GLN A 302 -28.08 0.35 -3.92
N ARG A 303 -27.06 0.16 -3.08
CA ARG A 303 -26.47 1.24 -2.27
C ARG A 303 -25.68 2.24 -3.10
N ILE A 304 -25.85 3.53 -2.80
CA ILE A 304 -25.30 4.62 -3.60
C ILE A 304 -23.78 4.69 -3.47
N ASP A 305 -23.11 4.92 -4.59
CA ASP A 305 -21.64 4.93 -4.63
C ASP A 305 -21.09 6.30 -4.27
N SER A 306 -19.76 6.40 -4.18
CA SER A 306 -19.08 7.66 -3.87
C SER A 306 -19.43 8.79 -4.85
N ASP A 307 -19.42 8.48 -6.14
CA ASP A 307 -19.61 9.50 -7.17
C ASP A 307 -21.04 10.02 -7.23
N ASP A 308 -22.01 9.12 -7.19
CA ASP A 308 -23.43 9.52 -7.22
C ASP A 308 -23.86 10.29 -5.98
N ALA A 309 -23.26 9.99 -4.84
CA ALA A 309 -23.59 10.70 -3.60
C ALA A 309 -23.26 12.19 -3.70
N LEU A 310 -22.09 12.53 -4.27
CA LEU A 310 -21.65 13.93 -4.46
C LEU A 310 -22.49 14.70 -5.50
N ASN A 311 -23.14 13.95 -6.38
CA ASN A 311 -24.04 14.47 -7.41
C ASN A 311 -25.46 14.69 -6.89
N HIS A 312 -25.74 14.20 -5.69
CA HIS A 312 -27.10 14.23 -5.14
C HIS A 312 -27.53 15.65 -4.77
N ASP A 313 -28.82 15.92 -4.96
CA ASP A 313 -29.38 17.28 -4.80
C ASP A 313 -29.19 17.89 -3.40
N PHE A 314 -28.81 17.09 -2.41
CA PHE A 314 -28.35 17.59 -1.12
C PHE A 314 -27.22 18.61 -1.27
N PHE A 315 -26.17 18.23 -2.00
CA PHE A 315 -24.98 19.09 -2.15
C PHE A 315 -25.10 20.24 -3.15
N TRP A 316 -26.21 20.26 -3.90
CA TRP A 316 -26.46 21.25 -4.94
C TRP A 316 -27.74 22.09 -4.75
N SER A 317 -28.32 22.07 -3.54
CA SER A 317 -29.53 22.86 -3.21
C SER A 317 -29.23 23.90 -2.15
N ASP A 318 -30.16 24.84 -1.97
CA ASP A 318 -29.99 25.93 -1.00
C ASP A 318 -30.37 25.45 0.40
N PRO A 319 -29.55 25.68 1.44
CA PRO A 319 -28.28 26.42 1.40
C PRO A 319 -27.11 25.52 1.03
N MET A 320 -26.21 26.01 0.19
CA MET A 320 -25.11 25.20 -0.37
C MET A 320 -24.00 24.98 0.66
N PRO A 321 -23.04 24.06 0.36
CA PRO A 321 -21.87 23.87 1.23
C PRO A 321 -21.10 25.16 1.58
N SER A 322 -20.64 25.26 2.82
CA SER A 322 -19.85 26.41 3.27
C SER A 322 -18.72 25.99 4.20
N ASP A 323 -17.67 26.81 4.26
CA ASP A 323 -16.48 26.52 5.08
C ASP A 323 -16.79 26.47 6.58
N LEU A 324 -15.90 25.85 7.33
CA LEU A 324 -16.16 25.44 8.71
C LEU A 324 -15.43 26.29 9.75
N LYS A 325 -16.13 27.35 10.20
CA LYS A 325 -15.66 28.24 11.27
C LYS A 325 -16.36 27.90 12.60
N GLY A 326 -17.68 27.70 12.56
CA GLY A 326 -18.43 27.18 13.71
C GLY A 326 -18.21 25.68 13.89
N ASN B 8 13.00 13.93 -4.88
CA ASN B 8 12.45 12.61 -4.42
C ASN B 8 12.24 11.65 -5.61
N ASN B 9 11.75 12.17 -6.74
CA ASN B 9 11.68 11.42 -8.01
C ASN B 9 13.07 11.01 -8.56
N LYS B 10 14.11 11.79 -8.23
CA LYS B 10 15.51 11.46 -8.56
C LYS B 10 16.37 11.18 -7.31
N ARG B 11 15.77 10.66 -6.24
CA ARG B 11 16.51 10.28 -5.04
C ARG B 11 17.32 9.03 -5.35
N TRP B 12 16.62 8.00 -5.81
CA TRP B 12 17.22 6.69 -6.09
C TRP B 12 17.73 6.49 -7.54
N TYR B 13 17.80 7.56 -8.33
CA TYR B 13 18.48 7.53 -9.62
C TYR B 13 19.73 8.41 -9.56
N PHE B 14 20.80 7.94 -10.19
CA PHE B 14 22.14 8.52 -10.05
C PHE B 14 22.85 8.71 -11.37
N THR B 15 23.79 9.65 -11.36
CA THR B 15 24.74 9.84 -12.45
C THR B 15 25.72 8.66 -12.44
N ARG B 16 26.51 8.55 -13.52
CA ARG B 16 27.57 7.57 -13.59
C ARG B 16 28.69 7.85 -12.58
N GLU B 17 29.02 9.14 -12.40
CA GLU B 17 30.06 9.53 -11.43
C GLU B 17 29.63 9.27 -9.96
N GLN B 18 28.33 9.35 -9.67
CA GLN B 18 27.81 8.98 -8.35
C GLN B 18 27.95 7.47 -8.05
N LEU B 19 27.70 6.66 -9.07
CA LEU B 19 27.93 5.21 -9.01
C LEU B 19 29.43 4.86 -8.92
N GLU B 20 30.26 5.65 -9.59
CA GLU B 20 31.71 5.47 -9.51
C GLU B 20 32.16 5.62 -8.05
N ASN B 21 32.00 6.81 -7.46
CA ASN B 21 32.37 7.05 -6.05
C ASN B 21 31.26 6.68 -5.08
N SER B 22 30.99 5.37 -5.01
CA SER B 22 29.96 4.77 -4.18
C SER B 22 30.47 4.57 -2.75
N PRO B 23 29.63 4.02 -1.85
CA PRO B 23 30.10 3.62 -0.52
C PRO B 23 31.14 2.51 -0.52
N SER B 24 31.02 1.56 -1.45
CA SER B 24 31.98 0.47 -1.56
C SER B 24 33.31 0.96 -2.12
N ARG B 25 33.28 1.89 -3.08
CA ARG B 25 34.50 2.54 -3.61
C ARG B 25 35.26 3.29 -2.53
N ARG B 26 34.50 3.96 -1.66
CA ARG B 26 35.07 4.70 -0.55
C ARG B 26 35.84 3.80 0.42
N PHE B 27 35.34 2.58 0.66
CA PHE B 27 36.01 1.65 1.56
C PHE B 27 37.17 0.91 0.90
N GLY B 28 37.03 0.61 -0.39
CA GLY B 28 38.18 0.23 -1.24
C GLY B 28 37.95 -0.97 -2.14
N VAL B 29 36.80 -0.99 -2.80
CA VAL B 29 36.34 -2.13 -3.58
C VAL B 29 36.34 -1.70 -5.04
N ASP B 30 37.09 -2.42 -5.88
CA ASP B 30 37.19 -2.13 -7.32
C ASP B 30 35.80 -2.05 -8.00
N PRO B 31 35.60 -1.11 -8.96
CA PRO B 31 34.37 -1.00 -9.75
C PRO B 31 33.83 -2.29 -10.35
N ASP B 32 34.74 -3.13 -10.86
CA ASP B 32 34.37 -4.43 -11.41
C ASP B 32 34.00 -5.39 -10.29
N LYS B 33 34.79 -5.34 -9.21
CA LYS B 33 34.55 -6.15 -8.02
C LYS B 33 33.24 -5.79 -7.35
N GLU B 34 32.86 -4.51 -7.42
CA GLU B 34 31.58 -4.05 -6.90
C GLU B 34 30.36 -4.49 -7.76
N LEU B 35 30.59 -5.00 -8.97
CA LEU B 35 29.50 -5.62 -9.75
C LEU B 35 29.32 -7.09 -9.41
N SER B 36 30.39 -7.77 -9.02
CA SER B 36 30.32 -9.19 -8.67
C SER B 36 29.42 -9.41 -7.47
N TYR B 37 29.67 -8.67 -6.40
CA TYR B 37 28.83 -8.71 -5.19
C TYR B 37 27.39 -8.31 -5.46
N ARG B 38 27.15 -7.43 -6.44
CA ARG B 38 25.80 -7.14 -6.89
C ARG B 38 25.19 -8.30 -7.66
N GLN B 39 25.91 -8.84 -8.65
CA GLN B 39 25.42 -9.97 -9.43
C GLN B 39 25.26 -11.28 -8.61
N GLN B 40 26.15 -11.49 -7.62
CA GLN B 40 26.06 -12.65 -6.71
C GLN B 40 24.87 -12.56 -5.75
N ALA B 41 24.51 -11.34 -5.36
CA ALA B 41 23.35 -11.13 -4.49
C ALA B 41 22.10 -11.47 -5.27
N ALA B 42 22.00 -10.90 -6.47
CA ALA B 42 20.91 -11.23 -7.39
C ALA B 42 20.85 -12.73 -7.64
N ASN B 43 22.01 -13.34 -7.92
CA ASN B 43 22.13 -14.78 -8.07
C ASN B 43 21.65 -15.56 -6.83
N LEU B 44 21.98 -15.08 -5.62
CA LEU B 44 21.51 -15.71 -4.39
C LEU B 44 20.02 -15.50 -4.14
N LEU B 45 19.53 -14.29 -4.42
CA LEU B 45 18.11 -14.00 -4.27
C LEU B 45 17.27 -14.89 -5.17
N GLN B 46 17.76 -15.10 -6.39
CA GLN B 46 17.12 -15.96 -7.35
C GLN B 46 17.08 -17.41 -6.87
N ASP B 47 18.23 -17.94 -6.46
CA ASP B 47 18.34 -19.29 -5.91
C ASP B 47 17.38 -19.48 -4.74
N MET B 48 17.46 -18.58 -3.76
CA MET B 48 16.63 -18.64 -2.55
C MET B 48 15.15 -18.57 -2.88
N GLY B 49 14.80 -17.56 -3.68
CA GLY B 49 13.42 -17.29 -4.07
C GLY B 49 12.75 -18.44 -4.80
N GLN B 50 13.48 -19.03 -5.73
CA GLN B 50 13.06 -20.25 -6.42
C GLN B 50 12.67 -21.34 -5.44
N ARG B 51 13.50 -21.54 -4.41
CA ARG B 51 13.26 -22.58 -3.39
C ARG B 51 12.10 -22.27 -2.42
N LEU B 52 11.94 -20.98 -2.10
CA LEU B 52 10.81 -20.50 -1.26
C LEU B 52 9.47 -20.42 -2.00
N ASN B 53 9.51 -20.47 -3.33
CA ASN B 53 8.34 -20.47 -4.23
C ASN B 53 7.64 -19.09 -4.28
N VAL B 54 8.44 -18.05 -4.14
CA VAL B 54 7.98 -16.68 -4.39
C VAL B 54 8.11 -16.40 -5.87
N SER B 55 7.34 -15.44 -6.35
CA SER B 55 7.30 -15.10 -7.76
C SER B 55 8.53 -14.29 -8.14
N GLN B 56 8.84 -14.27 -9.43
CA GLN B 56 9.95 -13.49 -9.95
C GLN B 56 9.81 -12.03 -9.52
N LEU B 57 8.58 -11.51 -9.52
CA LEU B 57 8.30 -10.17 -9.03
C LEU B 57 8.97 -9.88 -7.69
N THR B 58 8.70 -10.75 -6.72
CA THR B 58 9.20 -10.60 -5.36
C THR B 58 10.73 -10.58 -5.35
N ILE B 59 11.34 -11.45 -6.16
CA ILE B 59 12.81 -11.52 -6.30
C ILE B 59 13.36 -10.22 -6.91
N ASN B 60 12.66 -9.71 -7.92
CA ASN B 60 13.05 -8.47 -8.57
C ASN B 60 12.94 -7.27 -7.63
N THR B 61 11.90 -7.25 -6.80
CA THR B 61 11.74 -6.25 -5.74
C THR B 61 12.91 -6.32 -4.77
N ALA B 62 13.29 -7.54 -4.38
CA ALA B 62 14.43 -7.77 -3.48
C ALA B 62 15.75 -7.36 -4.09
N ILE B 63 15.94 -7.66 -5.37
CA ILE B 63 17.14 -7.24 -6.08
C ILE B 63 17.26 -5.71 -6.08
N VAL B 64 16.15 -5.03 -6.32
CA VAL B 64 16.14 -3.56 -6.35
C VAL B 64 16.41 -2.97 -4.97
N TYR B 65 15.87 -3.59 -3.92
CA TYR B 65 16.20 -3.15 -2.56
C TYR B 65 17.69 -3.27 -2.35
N MET B 66 18.23 -4.42 -2.73
CA MET B 66 19.65 -4.69 -2.60
C MET B 66 20.47 -3.65 -3.38
N HIS B 67 20.13 -3.43 -4.65
CA HIS B 67 20.82 -2.44 -5.46
C HIS B 67 20.82 -1.04 -4.79
N ARG B 68 19.68 -0.64 -4.25
CA ARG B 68 19.56 0.67 -3.61
C ARG B 68 20.27 0.70 -2.27
N PHE B 69 20.21 -0.43 -1.55
CA PHE B 69 20.87 -0.56 -0.24
C PHE B 69 22.36 -0.23 -0.32
N TYR B 70 23.05 -0.75 -1.34
CA TYR B 70 24.50 -0.56 -1.49
C TYR B 70 24.90 0.74 -2.16
N MET B 71 23.92 1.55 -2.54
CA MET B 71 24.17 2.95 -2.86
C MET B 71 24.29 3.84 -1.62
N ILE B 72 23.92 3.31 -0.45
CA ILE B 72 24.11 4.00 0.83
C ILE B 72 25.17 3.32 1.70
N GLN B 73 25.09 1.98 1.82
CA GLN B 73 26.01 1.18 2.62
C GLN B 73 27.09 0.49 1.76
N SER B 74 28.11 -0.03 2.43
CA SER B 74 29.26 -0.66 1.78
C SER B 74 29.22 -2.18 1.93
N PHE B 75 29.63 -2.90 0.89
CA PHE B 75 29.76 -4.35 0.95
C PHE B 75 30.76 -4.80 2.03
N THR B 76 31.78 -3.99 2.29
CA THR B 76 32.75 -4.30 3.35
C THR B 76 32.05 -4.39 4.71
N ARG B 77 31.15 -3.44 4.99
CA ARG B 77 30.39 -3.37 6.23
C ARG B 77 29.22 -4.37 6.30
N PHE B 78 28.61 -4.67 5.15
CA PHE B 78 27.45 -5.56 5.04
C PHE B 78 27.62 -6.58 3.92
N PRO B 79 27.97 -7.84 4.26
CA PRO B 79 28.10 -8.85 3.22
C PRO B 79 26.77 -9.16 2.52
N GLY B 80 26.81 -9.35 1.20
CA GLY B 80 25.64 -9.77 0.42
C GLY B 80 24.92 -11.01 0.95
N ASN B 81 25.67 -11.97 1.50
CA ASN B 81 25.11 -13.19 2.09
C ASN B 81 24.32 -12.95 3.39
N SER B 82 24.61 -11.85 4.08
CA SER B 82 23.81 -11.40 5.22
C SER B 82 22.57 -10.64 4.77
N VAL B 83 22.77 -9.70 3.84
CA VAL B 83 21.70 -8.81 3.38
C VAL B 83 20.61 -9.53 2.59
N ALA B 84 21.01 -10.31 1.58
CA ALA B 84 20.04 -10.92 0.64
C ALA B 84 18.89 -11.70 1.29
N PRO B 85 19.16 -12.56 2.29
CA PRO B 85 18.02 -13.17 3.01
C PRO B 85 17.09 -12.14 3.67
N ALA B 86 17.65 -11.06 4.25
CA ALA B 86 16.84 -9.99 4.83
C ALA B 86 16.06 -9.24 3.75
N ALA B 87 16.74 -8.79 2.69
CA ALA B 87 16.08 -8.09 1.58
C ALA B 87 14.99 -8.91 0.90
N LEU B 88 15.14 -10.22 0.86
CA LEU B 88 14.13 -11.09 0.27
C LEU B 88 12.99 -11.31 1.23
N PHE B 89 13.33 -11.56 2.50
CA PHE B 89 12.35 -11.68 3.58
C PHE B 89 11.36 -10.50 3.56
N LEU B 90 11.91 -9.29 3.40
CA LEU B 90 11.12 -8.07 3.34
C LEU B 90 10.32 -7.97 2.06
N ALA B 91 10.95 -8.26 0.93
CA ALA B 91 10.28 -8.27 -0.38
C ALA B 91 9.06 -9.22 -0.42
N ALA B 92 9.20 -10.39 0.20
CA ALA B 92 8.09 -11.36 0.34
C ALA B 92 6.89 -10.77 1.05
N LYS B 93 7.13 -10.07 2.15
CA LYS B 93 6.05 -9.45 2.93
C LYS B 93 5.41 -8.28 2.19
N VAL B 94 6.24 -7.38 1.65
CA VAL B 94 5.77 -6.24 0.85
C VAL B 94 4.88 -6.68 -0.34
N GLU B 95 5.32 -7.71 -1.07
CA GLU B 95 4.61 -8.21 -2.25
C GLU B 95 3.54 -9.27 -1.95
N GLY B 96 3.15 -9.43 -0.67
CA GLY B 96 2.03 -10.29 -0.30
C GLY B 96 2.22 -11.79 -0.45
N GLN B 97 3.46 -12.24 -0.34
CA GLN B 97 3.83 -13.65 -0.35
C GLN B 97 4.74 -13.92 0.84
N PRO B 98 4.26 -13.60 2.05
CA PRO B 98 5.20 -13.58 3.17
C PRO B 98 5.66 -14.99 3.48
N LYS B 99 6.95 -15.13 3.72
CA LYS B 99 7.52 -16.40 4.11
C LYS B 99 7.99 -16.27 5.55
N LYS B 100 7.89 -17.36 6.29
CA LYS B 100 8.17 -17.31 7.71
C LYS B 100 9.67 -17.19 7.95
N LEU B 101 10.02 -16.44 8.99
CA LEU B 101 11.40 -16.11 9.33
C LEU B 101 12.29 -17.36 9.42
N GLU B 102 11.79 -18.40 10.08
CA GLU B 102 12.56 -19.63 10.28
C GLU B 102 12.75 -20.37 8.96
N HIS B 103 11.76 -20.25 8.06
CA HIS B 103 11.83 -20.83 6.71
C HIS B 103 12.86 -20.13 5.84
N VAL B 104 12.91 -18.80 5.89
CA VAL B 104 13.88 -18.03 5.10
C VAL B 104 15.31 -18.27 5.58
N ILE B 105 15.50 -18.34 6.88
CA ILE B 105 16.81 -18.64 7.47
C ILE B 105 17.28 -20.00 6.98
N LYS B 106 16.45 -21.00 7.28
CA LYS B 106 16.64 -22.39 6.90
C LYS B 106 17.03 -22.56 5.41
N VAL B 107 16.30 -21.89 4.52
CA VAL B 107 16.58 -21.94 3.07
C VAL B 107 17.90 -21.26 2.75
N ALA B 108 18.06 -20.04 3.27
CA ALA B 108 19.28 -19.25 3.06
C ALA B 108 20.51 -20.01 3.50
N HIS B 109 20.37 -20.84 4.54
CA HIS B 109 21.48 -21.67 5.00
C HIS B 109 21.90 -22.73 3.98
N THR B 110 20.95 -23.48 3.44
CA THR B 110 21.27 -24.56 2.50
C THR B 110 21.75 -24.08 1.12
N CYS B 111 21.48 -22.82 0.79
CA CYS B 111 22.07 -22.22 -0.39
C CYS B 111 23.53 -21.91 -0.08
N LEU B 112 23.76 -21.19 1.00
CA LEU B 112 25.09 -20.74 1.38
C LEU B 112 26.00 -21.85 1.88
N HIS B 113 25.42 -22.89 2.47
CA HIS B 113 26.18 -24.00 3.06
C HIS B 113 25.53 -25.33 2.66
N PRO B 114 25.69 -25.71 1.37
CA PRO B 114 25.06 -26.90 0.79
C PRO B 114 25.35 -28.20 1.54
N GLN B 115 26.58 -28.34 2.03
CA GLN B 115 27.02 -29.57 2.69
C GLN B 115 26.69 -29.51 4.18
N GLU B 116 26.87 -28.34 4.80
CA GLU B 116 26.57 -28.20 6.24
C GLU B 116 25.10 -28.45 6.54
N SER B 117 24.86 -29.19 7.62
CA SER B 117 23.52 -29.37 8.17
C SER B 117 23.24 -28.16 9.05
N LEU B 118 21.96 -27.87 9.29
CA LEU B 118 21.56 -26.68 10.07
C LEU B 118 21.96 -26.80 11.55
N PRO B 119 22.17 -25.66 12.24
CA PRO B 119 22.27 -25.70 13.70
C PRO B 119 20.96 -26.11 14.38
N ASP B 120 21.06 -26.48 15.64
CA ASP B 120 19.90 -26.81 16.46
C ASP B 120 19.12 -25.51 16.64
N THR B 121 17.80 -25.56 16.46
CA THR B 121 16.96 -24.37 16.64
C THR B 121 16.84 -23.91 18.09
N ARG B 122 17.16 -24.80 19.04
CA ARG B 122 17.31 -24.42 20.46
C ARG B 122 18.64 -23.70 20.77
N SER B 123 19.66 -23.93 19.94
CA SER B 123 21.02 -23.39 20.17
C SER B 123 21.13 -21.87 20.21
N GLU B 124 22.27 -21.38 20.71
CA GLU B 124 22.55 -19.95 20.78
C GLU B 124 22.93 -19.42 19.40
N ALA B 125 23.59 -20.25 18.59
CA ALA B 125 24.01 -19.87 17.24
C ALA B 125 22.83 -19.65 16.28
N TYR B 126 21.78 -20.45 16.42
CA TYR B 126 20.56 -20.29 15.63
C TYR B 126 19.77 -19.08 16.13
N LEU B 127 19.49 -19.04 17.43
CA LEU B 127 18.78 -17.92 18.03
C LEU B 127 19.46 -16.57 17.74
N GLN B 128 20.80 -16.58 17.60
CA GLN B 128 21.55 -15.41 17.15
C GLN B 128 21.21 -15.05 15.70
N GLN B 129 21.48 -15.97 14.79
CA GLN B 129 21.34 -15.70 13.35
C GLN B 129 19.88 -15.41 12.94
N VAL B 130 18.92 -15.79 13.77
CA VAL B 130 17.52 -15.34 13.61
C VAL B 130 17.40 -13.86 13.96
N GLN B 131 17.91 -13.47 15.13
CA GLN B 131 17.93 -12.06 15.52
C GLN B 131 18.76 -11.19 14.57
N ASP B 132 19.80 -11.76 13.96
CA ASP B 132 20.62 -11.04 12.98
C ASP B 132 19.83 -10.66 11.73
N LEU B 133 18.90 -11.53 11.32
CA LEU B 133 18.09 -11.28 10.12
C LEU B 133 17.06 -10.21 10.41
N VAL B 134 16.37 -10.34 11.54
CA VAL B 134 15.43 -9.32 12.00
C VAL B 134 16.10 -7.95 12.11
N ILE B 135 17.29 -7.89 12.72
CA ILE B 135 18.01 -6.62 12.85
C ILE B 135 18.35 -6.06 11.47
N LEU B 136 18.85 -6.89 10.57
CA LEU B 136 19.28 -6.43 9.25
C LEU B 136 18.12 -5.96 8.35
N GLU B 137 16.91 -6.48 8.62
CA GLU B 137 15.68 -6.03 7.96
C GLU B 137 15.36 -4.58 8.36
N SER B 138 15.46 -4.28 9.64
CA SER B 138 15.27 -2.90 10.13
C SER B 138 16.30 -1.93 9.53
N ILE B 139 17.52 -2.43 9.31
CA ILE B 139 18.59 -1.62 8.74
C ILE B 139 18.38 -1.38 7.24
N ILE B 140 17.76 -2.32 6.54
CA ILE B 140 17.35 -2.08 5.14
C ILE B 140 16.25 -1.02 5.11
N LEU B 141 15.20 -1.21 5.91
CA LEU B 141 14.06 -0.28 5.95
C LEU B 141 14.51 1.17 6.10
N GLN B 142 15.37 1.40 7.09
CA GLN B 142 15.82 2.75 7.41
C GLN B 142 16.75 3.34 6.34
N THR B 143 17.53 2.48 5.70
CA THR B 143 18.39 2.89 4.59
C THR B 143 17.50 3.34 3.42
N LEU B 144 16.51 2.51 3.08
CA LEU B 144 15.55 2.81 2.00
C LEU B 144 14.54 3.92 2.31
N GLY B 145 14.48 4.38 3.56
CA GLY B 145 13.53 5.40 3.97
C GLY B 145 12.10 4.89 3.89
N PHE B 146 11.93 3.58 4.06
CA PHE B 146 10.64 2.90 3.91
C PHE B 146 9.95 3.05 2.54
N GLU B 147 10.73 3.40 1.50
CA GLU B 147 10.22 3.50 0.14
C GLU B 147 10.29 2.12 -0.50
N LEU B 148 9.25 1.33 -0.26
CA LEU B 148 9.21 -0.10 -0.59
C LEU B 148 8.43 -0.46 -1.86
N THR B 149 7.62 0.48 -2.34
CA THR B 149 6.86 0.25 -3.56
C THR B 149 7.83 0.47 -4.69
N ILE B 150 8.18 -0.62 -5.37
CA ILE B 150 9.09 -0.59 -6.50
C ILE B 150 8.29 -0.82 -7.75
N ASP B 151 8.51 0.01 -8.77
CA ASP B 151 8.00 -0.24 -10.11
C ASP B 151 9.11 -0.95 -10.90
N HIS B 152 8.75 -2.02 -11.62
CA HIS B 152 9.72 -2.75 -12.44
C HIS B 152 9.45 -2.53 -13.92
N PRO B 153 10.49 -2.70 -14.77
CA PRO B 153 10.33 -2.65 -16.23
C PRO B 153 9.33 -3.64 -16.83
N HIS B 154 9.04 -4.73 -16.11
CA HIS B 154 8.18 -5.83 -16.59
C HIS B 154 6.73 -5.39 -16.85
N THR B 155 6.25 -4.40 -16.09
CA THR B 155 4.93 -3.82 -16.29
C THR B 155 4.81 -3.11 -17.63
N HIS B 156 5.88 -2.41 -18.01
CA HIS B 156 5.93 -1.60 -19.23
C HIS B 156 6.28 -2.42 -20.47
N VAL B 157 6.69 -3.66 -20.27
CA VAL B 157 6.88 -4.63 -21.35
C VAL B 157 5.54 -4.93 -22.04
N VAL B 158 4.51 -5.22 -21.26
CA VAL B 158 3.17 -5.56 -21.81
C VAL B 158 2.50 -4.36 -22.50
N LYS B 159 2.68 -3.16 -21.93
CA LYS B 159 2.26 -1.89 -22.58
C LYS B 159 2.71 -1.80 -24.03
N CYS B 160 3.92 -2.27 -24.30
CA CYS B 160 4.48 -2.29 -25.64
C CYS B 160 4.12 -3.57 -26.42
N THR B 161 4.60 -4.73 -25.95
CA THR B 161 4.61 -5.98 -26.74
C THR B 161 3.23 -6.47 -27.21
N GLN B 162 2.21 -6.38 -26.34
CA GLN B 162 0.83 -6.70 -26.73
C GLN B 162 0.24 -5.73 -27.75
N LEU B 163 0.56 -4.44 -27.59
CA LEU B 163 -0.02 -3.37 -28.40
C LEU B 163 0.75 -3.13 -29.71
N VAL B 164 2.04 -3.46 -29.72
CA VAL B 164 2.83 -3.58 -30.98
C VAL B 164 2.78 -4.98 -31.62
N ARG B 165 2.17 -5.95 -30.92
CA ARG B 165 1.74 -7.24 -31.50
C ARG B 165 2.90 -8.11 -32.00
N ALA B 166 3.51 -8.83 -31.07
CA ALA B 166 4.63 -9.73 -31.36
C ALA B 166 4.56 -10.97 -30.49
N SER B 167 4.92 -12.11 -31.11
CA SER B 167 4.68 -13.46 -30.59
C SER B 167 5.13 -13.77 -29.17
N LYS B 168 4.66 -14.91 -28.67
CA LYS B 168 5.18 -15.58 -27.47
C LYS B 168 6.69 -15.43 -27.36
N ASP B 169 7.38 -15.74 -28.46
CA ASP B 169 8.84 -15.72 -28.50
C ASP B 169 9.39 -14.32 -28.25
N LEU B 170 8.78 -13.28 -28.82
CA LEU B 170 9.24 -11.91 -28.56
C LEU B 170 8.75 -11.40 -27.20
N ALA B 171 7.48 -11.65 -26.90
CA ALA B 171 6.86 -11.19 -25.65
C ALA B 171 7.65 -11.66 -24.45
N GLN B 172 7.91 -12.97 -24.39
CA GLN B 172 8.61 -13.60 -23.27
C GLN B 172 10.11 -13.29 -23.23
N THR B 173 10.75 -13.20 -24.40
CA THR B 173 12.16 -12.79 -24.48
C THR B 173 12.39 -11.45 -23.79
N SER B 174 11.47 -10.52 -23.97
CA SER B 174 11.61 -9.18 -23.39
C SER B 174 11.53 -9.15 -21.85
N TYR B 175 10.80 -10.11 -21.26
CA TYR B 175 10.79 -10.28 -19.81
C TYR B 175 12.19 -10.69 -19.34
N PHE B 176 12.65 -11.80 -19.92
CA PHE B 176 13.99 -12.36 -19.71
C PHE B 176 15.09 -11.29 -19.66
N MET B 177 15.08 -10.37 -20.62
CA MET B 177 16.02 -9.25 -20.64
C MET B 177 15.87 -8.35 -19.41
N ALA B 178 14.62 -8.02 -19.08
CA ALA B 178 14.31 -7.18 -17.92
C ALA B 178 14.73 -7.84 -16.62
N THR B 179 14.49 -9.15 -16.51
CA THR B 179 14.90 -9.91 -15.34
C THR B 179 16.43 -9.90 -15.24
N ASN B 180 17.10 -10.14 -16.36
CA ASN B 180 18.55 -10.14 -16.37
C ASN B 180 19.19 -8.75 -16.24
N SER B 181 18.44 -7.70 -16.57
CA SER B 181 18.92 -6.32 -16.37
C SER B 181 19.01 -5.94 -14.88
N LEU B 182 18.24 -6.61 -14.03
CA LEU B 182 18.32 -6.42 -12.58
C LEU B 182 19.46 -7.25 -12.02
N HIS B 183 19.62 -8.48 -12.51
CA HIS B 183 20.75 -9.34 -12.11
C HIS B 183 22.10 -8.75 -12.50
N LEU B 184 22.23 -8.35 -13.76
CA LEU B 184 23.52 -8.08 -14.38
C LEU B 184 23.96 -6.61 -14.40
N THR B 185 23.02 -5.68 -14.49
CA THR B 185 23.35 -4.25 -14.63
C THR B 185 22.87 -3.47 -13.42
N THR B 186 23.23 -2.19 -13.40
CA THR B 186 22.69 -1.21 -12.46
C THR B 186 21.79 -0.20 -13.19
N PHE B 187 21.03 -0.68 -14.17
CA PHE B 187 20.08 0.18 -14.89
C PHE B 187 18.96 0.68 -13.98
N SER B 188 18.47 -0.21 -13.12
CA SER B 188 17.50 0.13 -12.06
C SER B 188 17.86 1.41 -11.27
N LEU B 189 19.16 1.64 -11.05
CA LEU B 189 19.66 2.84 -10.37
C LEU B 189 19.99 4.03 -11.29
N GLN B 190 19.66 3.96 -12.59
CA GLN B 190 20.00 5.01 -13.56
C GLN B 190 18.84 5.47 -14.42
N TYR B 191 18.19 4.53 -15.10
CA TYR B 191 17.11 4.83 -16.01
C TYR B 191 15.81 4.31 -15.42
N THR B 192 14.73 5.06 -15.63
CA THR B 192 13.45 4.75 -15.01
C THR B 192 12.83 3.52 -15.67
N PRO B 193 11.99 2.77 -14.94
CA PRO B 193 11.42 1.51 -15.42
C PRO B 193 10.91 1.48 -16.86
N PRO B 194 10.17 2.53 -17.30
CA PRO B 194 9.72 2.50 -18.69
C PRO B 194 10.86 2.65 -19.72
N VAL B 195 11.95 3.33 -19.33
CA VAL B 195 13.12 3.46 -20.22
C VAL B 195 13.81 2.09 -20.36
N VAL B 196 14.00 1.42 -19.23
CA VAL B 196 14.63 0.10 -19.21
C VAL B 196 13.83 -0.90 -20.04
N ALA B 197 12.50 -0.83 -19.94
CA ALA B 197 11.58 -1.66 -20.74
C ALA B 197 11.79 -1.52 -22.25
N CYS B 198 12.08 -0.29 -22.70
CA CYS B 198 12.45 -0.03 -24.10
C CYS B 198 13.78 -0.67 -24.48
N VAL B 199 14.77 -0.59 -23.60
CA VAL B 199 16.08 -1.21 -23.85
C VAL B 199 15.91 -2.73 -24.05
N CYS B 200 15.09 -3.33 -23.18
CA CYS B 200 14.79 -4.77 -23.23
C CYS B 200 14.09 -5.25 -24.50
N ILE B 201 13.12 -4.48 -24.98
CA ILE B 201 12.41 -4.82 -26.21
C ILE B 201 13.28 -4.57 -27.43
N HIS B 202 14.06 -3.47 -27.41
CA HIS B 202 14.98 -3.15 -28.50
C HIS B 202 15.97 -4.30 -28.70
N LEU B 203 16.60 -4.73 -27.59
CA LEU B 203 17.53 -5.87 -27.63
C LEU B 203 16.86 -7.17 -28.06
N ALA B 204 15.66 -7.42 -27.54
CA ALA B 204 14.84 -8.60 -27.91
C ALA B 204 14.46 -8.63 -29.39
N CYS B 205 14.31 -7.46 -29.99
CA CYS B 205 14.09 -7.36 -31.42
C CYS B 205 15.36 -7.66 -32.21
N LYS B 206 16.51 -7.18 -31.73
CA LYS B 206 17.79 -7.50 -32.37
C LYS B 206 18.14 -9.00 -32.28
N TRP B 207 17.85 -9.60 -31.12
CA TRP B 207 18.11 -11.02 -30.90
C TRP B 207 17.20 -11.96 -31.74
N SER B 208 15.99 -11.50 -32.10
CA SER B 208 15.04 -12.29 -32.93
C SER B 208 15.00 -11.91 -34.41
N ASN B 209 15.82 -10.94 -34.81
CA ASN B 209 15.72 -10.31 -36.12
C ASN B 209 14.31 -9.76 -36.40
N TRP B 210 13.74 -9.09 -35.39
CA TRP B 210 12.43 -8.45 -35.48
C TRP B 210 12.62 -6.97 -35.80
N GLU B 211 11.73 -6.45 -36.64
CA GLU B 211 11.79 -5.07 -37.11
C GLU B 211 10.42 -4.44 -36.92
N ILE B 212 10.20 -3.81 -35.77
CA ILE B 212 8.96 -3.08 -35.53
C ILE B 212 8.96 -1.85 -36.45
N PRO B 213 7.87 -1.65 -37.22
CA PRO B 213 7.93 -0.63 -38.25
C PRO B 213 7.75 0.80 -37.72
N VAL B 214 8.01 1.76 -38.60
CA VAL B 214 7.77 3.18 -38.35
C VAL B 214 6.26 3.38 -38.49
N SER B 215 5.60 3.77 -37.39
CA SER B 215 4.15 4.06 -37.39
C SER B 215 3.80 5.14 -38.43
N THR B 216 2.60 5.04 -39.03
CA THR B 216 2.22 5.89 -40.19
C THR B 216 2.18 7.42 -39.95
N ASP B 217 2.41 7.85 -38.70
CA ASP B 217 2.64 9.27 -38.39
C ASP B 217 4.01 9.76 -38.89
N GLY B 218 4.99 8.86 -38.92
CA GLY B 218 6.41 9.22 -38.94
C GLY B 218 6.91 9.10 -37.51
N LYS B 219 6.66 7.93 -36.91
CA LYS B 219 6.83 7.70 -35.47
C LYS B 219 7.41 6.31 -35.19
N HIS B 220 8.21 6.22 -34.11
CA HIS B 220 8.77 4.95 -33.64
C HIS B 220 7.97 4.46 -32.44
N TRP B 221 8.06 3.16 -32.20
CA TRP B 221 7.31 2.50 -31.10
C TRP B 221 7.62 3.03 -29.70
N TRP B 222 8.87 3.43 -29.46
CA TRP B 222 9.30 3.82 -28.10
C TRP B 222 8.65 5.10 -27.58
N GLU B 223 8.28 6.02 -28.48
CA GLU B 223 7.58 7.27 -28.09
C GLU B 223 6.18 7.04 -27.48
N TYR B 224 5.59 5.87 -27.68
CA TYR B 224 4.33 5.48 -27.03
C TYR B 224 4.57 4.92 -25.61
N VAL B 225 5.82 4.56 -25.31
CA VAL B 225 6.21 4.03 -23.99
C VAL B 225 6.83 5.10 -23.08
N ASP B 226 7.73 5.92 -23.65
CA ASP B 226 8.29 7.07 -22.94
C ASP B 226 8.93 8.04 -23.94
N ALA B 227 8.45 9.28 -23.96
CA ALA B 227 8.91 10.27 -24.96
C ALA B 227 10.33 10.82 -24.71
N THR B 228 10.94 10.50 -23.57
CA THR B 228 12.35 10.86 -23.30
C THR B 228 13.37 10.07 -24.12
N VAL B 229 13.00 8.90 -24.63
CA VAL B 229 13.96 7.96 -25.22
C VAL B 229 14.36 8.36 -26.64
N THR B 230 15.65 8.24 -26.94
CA THR B 230 16.19 8.35 -28.32
C THR B 230 16.85 7.03 -28.74
N LEU B 231 17.07 6.86 -30.04
CA LEU B 231 17.80 5.67 -30.56
C LEU B 231 19.24 5.66 -30.07
N GLU B 232 19.93 6.81 -30.16
CA GLU B 232 21.30 6.98 -29.60
C GLU B 232 21.46 6.29 -28.26
N LEU B 233 20.47 6.48 -27.40
CA LEU B 233 20.45 5.87 -26.07
C LEU B 233 20.21 4.37 -26.10
N LEU B 234 19.23 3.90 -26.86
CA LEU B 234 18.91 2.46 -26.92
C LEU B 234 20.07 1.64 -27.47
N ASP B 235 20.66 2.10 -28.59
CA ASP B 235 21.85 1.46 -29.18
C ASP B 235 23.02 1.41 -28.20
N GLU B 236 23.19 2.46 -27.40
CA GLU B 236 24.23 2.50 -26.37
C GLU B 236 23.97 1.52 -25.21
N LEU B 237 22.72 1.43 -24.77
CA LEU B 237 22.36 0.59 -23.62
C LEU B 237 22.08 -0.87 -23.98
N THR B 238 21.54 -1.13 -25.16
CA THR B 238 21.43 -2.50 -25.65
C THR B 238 22.83 -3.08 -25.87
N HIS B 239 23.77 -2.24 -26.32
CA HIS B 239 25.17 -2.65 -26.38
C HIS B 239 25.69 -3.04 -24.99
N GLU B 240 25.49 -2.18 -24.00
CA GLU B 240 25.93 -2.50 -22.63
C GLU B 240 25.34 -3.80 -22.05
N LEU B 241 24.02 -3.95 -22.16
CA LEU B 241 23.32 -5.15 -21.66
C LEU B 241 23.71 -6.43 -22.41
N LEU B 242 23.95 -6.34 -23.71
CA LEU B 242 24.36 -7.50 -24.49
C LEU B 242 25.79 -7.96 -24.14
N GLN B 243 26.68 -7.02 -23.82
CA GLN B 243 28.05 -7.36 -23.41
C GLN B 243 28.03 -8.25 -22.17
N ILE B 244 27.41 -7.76 -21.11
CA ILE B 244 27.36 -8.50 -19.83
C ILE B 244 26.57 -9.82 -19.93
N LEU B 245 25.64 -9.92 -20.88
CA LEU B 245 24.96 -11.20 -21.12
C LEU B 245 25.88 -12.23 -21.79
N GLU B 246 26.79 -11.76 -22.65
CA GLU B 246 27.82 -12.62 -23.24
C GLU B 246 28.82 -13.09 -22.21
N LYS B 247 29.14 -12.23 -21.25
CA LYS B 247 30.04 -12.58 -20.18
C LYS B 247 29.42 -13.53 -19.17
N THR B 248 28.10 -13.44 -18.99
CA THR B 248 27.37 -14.34 -18.10
C THR B 248 27.22 -15.74 -18.73
N PRO B 249 27.92 -16.75 -18.19
CA PRO B 249 27.92 -18.04 -18.87
C PRO B 249 26.57 -18.73 -18.84
N ASN B 250 26.23 -19.38 -19.94
CA ASN B 250 24.97 -20.13 -20.12
C ASN B 250 23.62 -19.34 -20.12
N ARG B 251 23.67 -18.02 -19.96
CA ARG B 251 22.45 -17.21 -19.88
C ARG B 251 21.80 -17.01 -21.26
N LEU B 252 22.59 -16.64 -22.27
CA LEU B 252 22.10 -16.46 -23.63
C LEU B 252 21.59 -17.76 -24.27
N LYS B 253 22.17 -18.90 -23.87
CA LYS B 253 21.75 -20.21 -24.38
C LYS B 253 20.27 -20.48 -24.12
N ARG B 254 19.71 -19.91 -23.04
CA ARG B 254 18.27 -19.97 -22.76
C ARG B 254 17.44 -19.36 -23.89
N ILE B 255 17.89 -18.21 -24.41
CA ILE B 255 17.15 -17.53 -25.46
C ILE B 255 17.69 -17.76 -26.87
N TRP B 256 18.58 -18.73 -27.06
CA TRP B 256 19.26 -18.92 -28.35
C TRP B 256 18.49 -19.87 -29.25
N ASN B 257 18.51 -19.62 -30.56
CA ASN B 257 17.72 -20.39 -31.52
C ASN B 257 18.53 -21.52 -32.15
N TRP B 258 18.17 -22.77 -31.84
CA TRP B 258 18.97 -23.94 -32.25
C TRP B 258 18.76 -24.36 -33.69
N ARG B 259 17.57 -24.10 -34.24
CA ARG B 259 17.36 -24.17 -35.69
C ARG B 259 17.95 -22.89 -36.29
F LCI C . -2.51 12.02 12.17
C6 LCI C . -3.13 12.73 13.11
C5 LCI C . -3.05 14.11 13.09
N2 LCI C . -3.68 14.88 14.03
C7 LCI C . -3.89 12.11 14.11
N5 LCI C . -4.51 12.89 15.05
C4 LCI C . -4.43 14.27 15.03
N1 LCI C . -5.09 15.05 16.00
C3 LCI C . -5.95 14.42 17.00
C2 LCI C . -6.13 15.38 18.19
C1 LCI C . -6.98 14.70 19.28
C16 LCI C . -7.32 14.03 16.42
C17 LCI C . -8.16 13.34 17.51
C LCI C . -8.35 14.26 18.72
N LCI C . -9.09 13.57 19.77
C8 LCI C . -4.02 10.64 14.18
C15 LCI C . -3.32 9.76 13.37
N4 LCI C . -3.70 8.52 13.72
N3 LCI C . -4.55 8.57 14.65
C14 LCI C . -5.15 7.37 15.24
C9 LCI C . -4.80 9.85 15.00
C10 LCI C . -5.77 10.30 16.08
C11 LCI C . -5.39 9.68 17.42
C13 LCI C . -5.52 10.70 18.57
C12 LCI C . -6.63 9.67 18.32
C1 GOL D . 30.16 -11.06 -1.37
O1 GOL D . 28.83 -10.78 -1.80
C2 GOL D . 30.66 -9.91 -0.50
O2 GOL D . 29.71 -9.68 0.55
C3 GOL D . 32.05 -10.22 0.08
O3 GOL D . 32.19 -9.69 1.40
C1 GOL E . 22.36 -9.27 -33.81
O1 GOL E . 22.49 -10.31 -34.80
C2 GOL E . 22.77 -9.80 -32.44
O2 GOL E . 21.98 -9.18 -31.43
C3 GOL E . 24.26 -9.55 -32.16
O3 GOL E . 24.82 -10.65 -31.44
#